data_4HEB
#
_entry.id   4HEB
#
_cell.length_a   61.550
_cell.length_b   85.950
_cell.length_c   95.030
_cell.angle_alpha   90.00
_cell.angle_beta   90.00
_cell.angle_gamma   90.00
#
_symmetry.space_group_name_H-M   'P 21 21 21'
#
loop_
_entity.id
_entity.type
_entity.pdbx_description
1 polymer 'Septum formation protein Maf'
2 non-polymer 'UNKNOWN ATOM OR ION'
3 water water
#
_entity_poly.entity_id   1
_entity_poly.type   'polypeptide(L)'
_entity_poly.pdbx_seq_one_letter_code
;MGSSHHHHHHSSGRENLYFQGMTKPLILASQSPRRKELLDLLQLPYSIIVSEVEEKLNRNFSPEENVQWLAKQKAKAVAD
LHPHAIVIGADTMVCLDGECLGKPQDQEEAASMLRRLSGRSHSVITAVSIQAENHSETFYDKTEVAFWSLSEEEIWTYIE
TKEPMDKAGAYGIQGRGALFVKKIDGDYYSVMGLPISKTMRALRHFDIRA
;
_entity_poly.pdbx_strand_id   A,B
#
loop_
_chem_comp.id
_chem_comp.type
_chem_comp.name
_chem_comp.formula
UNX non-polymer 'UNKNOWN ATOM OR ION' ?
#
# COMPACT_ATOMS: atom_id res chain seq x y z
N LYS A 24 -10.57 -13.80 26.25
CA LYS A 24 -11.64 -14.18 25.34
C LYS A 24 -11.10 -14.55 23.96
N PRO A 25 -11.68 -15.57 23.27
CA PRO A 25 -11.25 -15.87 21.89
C PRO A 25 -11.64 -14.77 20.87
N LEU A 26 -10.82 -14.65 19.81
CA LEU A 26 -10.97 -13.64 18.75
C LEU A 26 -11.67 -14.22 17.51
N ILE A 27 -12.65 -13.49 16.98
CA ILE A 27 -13.37 -13.88 15.77
C ILE A 27 -13.34 -12.72 14.77
N LEU A 28 -13.00 -13.04 13.51
CA LEU A 28 -13.03 -12.11 12.40
C LEU A 28 -14.33 -12.43 11.64
N ALA A 29 -15.34 -11.55 11.76
CA ALA A 29 -16.63 -11.74 11.09
C ALA A 29 -16.57 -11.23 9.63
N SER A 30 -15.59 -11.72 8.86
CA SER A 30 -15.43 -11.39 7.45
C SER A 30 -14.86 -12.56 6.70
N GLN A 31 -15.34 -12.78 5.48
CA GLN A 31 -14.75 -13.83 4.65
C GLN A 31 -13.69 -13.22 3.69
N SER A 32 -13.39 -11.90 3.84
CA SER A 32 -12.46 -11.19 2.95
C SER A 32 -11.03 -11.71 3.06
N PRO A 33 -10.42 -12.17 1.93
CA PRO A 33 -9.04 -12.70 1.99
C PRO A 33 -8.03 -11.62 2.35
N ARG A 34 -8.33 -10.35 2.00
CA ARG A 34 -7.47 -9.19 2.31
CA ARG A 34 -7.44 -9.22 2.32
C ARG A 34 -7.51 -8.91 3.81
N ARG A 35 -8.71 -9.01 4.42
CA ARG A 35 -8.90 -8.79 5.86
C ARG A 35 -8.25 -9.94 6.64
N LYS A 36 -8.33 -11.18 6.09
CA LYS A 36 -7.67 -12.33 6.70
C LYS A 36 -6.14 -12.11 6.71
N GLU A 37 -5.54 -11.81 5.53
CA GLU A 37 -4.08 -11.61 5.44
C GLU A 37 -3.59 -10.45 6.31
N LEU A 38 -4.41 -9.42 6.52
CA LEU A 38 -4.06 -8.29 7.38
C LEU A 38 -4.19 -8.64 8.84
N LEU A 39 -5.29 -9.32 9.23
CA LEU A 39 -5.44 -9.70 10.63
C LEU A 39 -4.36 -10.73 11.05
N ASP A 40 -3.85 -11.53 10.08
CA ASP A 40 -2.74 -12.47 10.28
C ASP A 40 -1.45 -11.79 10.73
N LEU A 41 -1.20 -10.53 10.30
CA LEU A 41 0.00 -9.78 10.71
C LEU A 41 0.15 -9.68 12.23
N LEU A 42 -0.98 -9.75 12.96
CA LEU A 42 -1.03 -9.62 14.42
C LEU A 42 -0.47 -10.79 15.19
N GLN A 43 -0.33 -11.96 14.53
CA GLN A 43 0.20 -13.20 15.11
C GLN A 43 -0.63 -13.64 16.32
N LEU A 44 -1.97 -13.46 16.23
CA LEU A 44 -2.90 -13.85 17.30
C LEU A 44 -3.82 -14.94 16.74
N PRO A 45 -4.16 -15.98 17.53
CA PRO A 45 -5.08 -17.00 16.98
C PRO A 45 -6.49 -16.43 16.88
N TYR A 46 -7.22 -16.81 15.83
CA TYR A 46 -8.59 -16.36 15.66
C TYR A 46 -9.35 -17.30 14.75
N SER A 47 -10.68 -17.17 14.74
CA SER A 47 -11.48 -17.98 13.84
C SER A 47 -12.35 -17.03 12.97
N ILE A 48 -12.81 -17.54 11.85
CA ILE A 48 -13.59 -16.79 10.87
C ILE A 48 -14.98 -17.36 10.94
N ILE A 49 -15.92 -16.52 11.35
CA ILE A 49 -17.33 -16.88 11.52
C ILE A 49 -18.14 -15.75 10.93
N VAL A 50 -19.08 -16.06 10.02
CA VAL A 50 -19.88 -14.98 9.43
C VAL A 50 -21.34 -15.31 9.48
N SER A 51 -22.17 -14.28 9.69
CA SER A 51 -23.62 -14.42 9.62
C SER A 51 -24.13 -13.20 8.84
N GLU A 52 -24.72 -13.45 7.64
CA GLU A 52 -25.25 -12.45 6.71
C GLU A 52 -26.29 -11.54 7.36
N VAL A 53 -26.17 -10.24 7.15
CA VAL A 53 -27.07 -9.24 7.75
C VAL A 53 -28.04 -8.65 6.69
N GLU A 55 -28.09 -5.16 5.63
CA GLU A 55 -27.87 -5.08 4.18
C GLU A 55 -28.21 -3.67 3.62
N LYS A 56 -29.45 -3.20 3.87
CA LYS A 56 -29.99 -1.91 3.40
C LYS A 56 -29.40 -0.71 4.15
N LEU A 57 -28.65 0.13 3.42
CA LEU A 57 -28.02 1.36 3.91
C LEU A 57 -28.91 2.55 3.52
N ASN A 58 -29.60 3.16 4.52
CA ASN A 58 -30.54 4.28 4.33
C ASN A 58 -29.87 5.58 3.88
N ARG A 59 -30.47 6.22 2.85
CA ARG A 59 -30.01 7.48 2.24
C ARG A 59 -30.08 8.67 3.19
N ASN A 60 -30.84 8.57 4.31
CA ASN A 60 -30.97 9.63 5.32
C ASN A 60 -29.69 9.80 6.11
N PHE A 61 -28.87 8.74 6.18
CA PHE A 61 -27.59 8.71 6.88
C PHE A 61 -26.45 9.03 5.90
N SER A 62 -25.36 9.54 6.45
CA SER A 62 -24.14 9.84 5.70
C SER A 62 -23.40 8.52 5.36
N PRO A 63 -22.44 8.51 4.41
CA PRO A 63 -21.72 7.27 4.13
C PRO A 63 -20.89 6.79 5.36
N GLU A 64 -20.43 7.75 6.18
CA GLU A 64 -19.64 7.54 7.40
C GLU A 64 -20.51 6.84 8.46
N GLU A 65 -21.79 7.28 8.61
CA GLU A 65 -22.73 6.63 9.51
C GLU A 65 -23.03 5.18 9.04
N ASN A 66 -23.35 5.02 7.73
CA ASN A 66 -23.72 3.76 7.10
C ASN A 66 -22.62 2.74 7.15
N VAL A 67 -21.40 3.10 6.76
CA VAL A 67 -20.28 2.16 6.79
C VAL A 67 -20.06 1.65 8.26
N GLN A 68 -20.17 2.54 9.26
CA GLN A 68 -20.03 2.17 10.68
C GLN A 68 -21.19 1.29 11.12
N TRP A 69 -22.43 1.58 10.63
CA TRP A 69 -23.62 0.78 10.92
C TRP A 69 -23.45 -0.64 10.39
N LEU A 70 -22.88 -0.76 9.17
CA LEU A 70 -22.63 -2.04 8.52
C LEU A 70 -21.55 -2.84 9.23
N ALA A 71 -20.40 -2.25 9.57
CA ALA A 71 -19.36 -2.96 10.31
C ALA A 71 -19.95 -3.45 11.68
N LYS A 72 -20.80 -2.62 12.34
CA LYS A 72 -21.44 -2.97 13.62
C LYS A 72 -22.38 -4.16 13.49
N GLN A 73 -23.26 -4.15 12.49
CA GLN A 73 -24.25 -5.20 12.24
C GLN A 73 -23.62 -6.56 11.99
N LYS A 74 -22.51 -6.57 11.24
CA LYS A 74 -21.79 -7.80 10.89
C LYS A 74 -21.12 -8.41 12.11
N ALA A 75 -20.52 -7.58 12.98
CA ALA A 75 -19.88 -8.03 14.22
C ALA A 75 -20.92 -8.48 15.26
N LYS A 76 -22.03 -7.70 15.41
CA LYS A 76 -23.10 -8.03 16.38
C LYS A 76 -23.77 -9.35 16.10
N ALA A 77 -24.06 -9.64 14.82
CA ALA A 77 -24.73 -10.86 14.37
C ALA A 77 -23.95 -12.09 14.80
N VAL A 78 -22.61 -12.04 14.71
CA VAL A 78 -21.70 -13.13 15.10
C VAL A 78 -21.49 -13.10 16.64
N ALA A 79 -21.39 -11.91 17.26
CA ALA A 79 -21.25 -11.74 18.72
C ALA A 79 -22.43 -12.31 19.49
N ASP A 80 -23.67 -12.21 18.94
CA ASP A 80 -24.87 -12.79 19.55
C ASP A 80 -24.73 -14.32 19.57
N LEU A 81 -24.03 -14.89 18.57
CA LEU A 81 -23.84 -16.34 18.46
C LEU A 81 -22.67 -16.80 19.36
N HIS A 82 -21.72 -15.88 19.65
CA HIS A 82 -20.53 -16.17 20.45
C HIS A 82 -20.37 -15.03 21.50
N PRO A 83 -21.25 -14.96 22.53
CA PRO A 83 -21.22 -13.84 23.50
C PRO A 83 -19.97 -13.75 24.40
N HIS A 84 -19.23 -14.84 24.53
CA HIS A 84 -17.99 -14.95 25.32
C HIS A 84 -16.77 -14.47 24.50
N ALA A 85 -16.94 -14.19 23.19
CA ALA A 85 -15.84 -13.82 22.32
C ALA A 85 -15.71 -12.32 22.07
N ILE A 86 -14.56 -11.93 21.45
CA ILE A 86 -14.29 -10.57 20.96
C ILE A 86 -14.48 -10.73 19.44
N VAL A 87 -15.42 -9.98 18.84
CA VAL A 87 -15.74 -10.12 17.42
C VAL A 87 -15.41 -8.85 16.65
N ILE A 88 -14.67 -9.00 15.53
CA ILE A 88 -14.28 -7.91 14.64
C ILE A 88 -15.10 -7.97 13.37
N GLY A 89 -15.79 -6.88 13.07
CA GLY A 89 -16.54 -6.70 11.83
C GLY A 89 -15.98 -5.50 11.11
N ALA A 90 -16.03 -5.49 9.78
CA ALA A 90 -15.51 -4.39 8.97
C ALA A 90 -16.32 -4.23 7.71
N ASP A 91 -16.32 -3.02 7.14
CA ASP A 91 -17.00 -2.72 5.87
C ASP A 91 -16.26 -1.59 5.17
N THR A 92 -16.19 -1.63 3.84
CA THR A 92 -15.47 -0.65 3.04
C THR A 92 -16.37 -0.10 1.93
N MET A 93 -16.43 1.24 1.84
CA MET A 93 -17.17 1.95 0.79
C MET A 93 -16.22 2.84 0.03
N VAL A 94 -16.43 2.93 -1.29
CA VAL A 94 -15.69 3.78 -2.24
C VAL A 94 -16.70 4.85 -2.65
N CYS A 95 -16.45 6.12 -2.25
CA CYS A 95 -17.37 7.24 -2.48
C CYS A 95 -16.71 8.45 -3.17
N LEU A 96 -17.51 9.15 -3.98
CA LEU A 96 -17.12 10.39 -4.64
C LEU A 96 -18.34 11.28 -4.81
N ASP A 97 -18.20 12.55 -4.34
CA ASP A 97 -19.23 13.59 -4.35
C ASP A 97 -20.49 13.14 -3.58
N GLY A 98 -20.25 12.47 -2.43
CA GLY A 98 -21.29 11.98 -1.53
C GLY A 98 -22.00 10.70 -1.96
N GLU A 99 -21.68 10.22 -3.17
CA GLU A 99 -22.23 9.02 -3.80
C GLU A 99 -21.26 7.86 -3.66
N CYS A 100 -21.73 6.71 -3.17
CA CYS A 100 -20.88 5.54 -2.98
C CYS A 100 -21.15 4.48 -4.04
N LEU A 101 -20.08 3.85 -4.51
CA LEU A 101 -20.13 2.86 -5.59
C LEU A 101 -19.99 1.42 -5.07
N GLY A 102 -20.93 0.57 -5.45
CA GLY A 102 -20.93 -0.84 -5.11
C GLY A 102 -20.18 -1.68 -6.14
N LYS A 103 -20.15 -3.01 -5.92
CA LYS A 103 -19.51 -3.97 -6.83
C LYS A 103 -20.28 -3.91 -8.15
N PRO A 104 -19.63 -3.79 -9.32
CA PRO A 104 -20.40 -3.70 -10.58
C PRO A 104 -21.15 -4.98 -10.92
N GLN A 105 -22.39 -4.84 -11.42
CA GLN A 105 -23.26 -5.94 -11.82
C GLN A 105 -22.85 -6.48 -13.20
N ASP A 106 -22.49 -5.57 -14.12
CA ASP A 106 -22.07 -5.88 -15.49
C ASP A 106 -20.77 -5.13 -15.85
N GLN A 107 -20.06 -5.60 -16.90
CA GLN A 107 -18.81 -4.99 -17.38
C GLN A 107 -19.00 -3.55 -17.87
N GLU A 108 -20.20 -3.22 -18.41
CA GLU A 108 -20.55 -1.89 -18.90
C GLU A 108 -20.68 -0.89 -17.75
N GLU A 109 -21.11 -1.38 -16.56
CA GLU A 109 -21.26 -0.59 -15.34
C GLU A 109 -19.87 -0.38 -14.72
N ALA A 110 -18.98 -1.40 -14.83
CA ALA A 110 -17.61 -1.36 -14.31
C ALA A 110 -16.79 -0.29 -15.03
N ALA A 111 -17.02 -0.13 -16.35
CA ALA A 111 -16.38 0.86 -17.20
C ALA A 111 -16.96 2.23 -16.91
N SER A 112 -18.23 2.28 -16.47
CA SER A 112 -18.94 3.49 -16.11
C SER A 112 -18.33 4.03 -14.81
N MET A 113 -18.13 3.15 -13.80
CA MET A 113 -17.54 3.47 -12.49
C MET A 113 -16.10 3.97 -12.62
N LEU A 114 -15.25 3.28 -13.43
CA LEU A 114 -13.85 3.63 -13.66
C LEU A 114 -13.71 4.95 -14.42
N ARG A 115 -14.64 5.23 -15.37
CA ARG A 115 -14.64 6.48 -16.13
C ARG A 115 -14.90 7.65 -15.19
N ARG A 116 -15.73 7.43 -14.15
CA ARG A 116 -16.06 8.39 -13.10
C ARG A 116 -14.84 8.64 -12.19
N LEU A 117 -14.11 7.57 -11.83
CA LEU A 117 -12.95 7.67 -10.93
C LEU A 117 -11.71 8.22 -11.60
N SER A 118 -11.61 8.10 -12.95
CA SER A 118 -10.47 8.56 -13.76
C SER A 118 -10.18 10.06 -13.61
N GLY A 119 -8.90 10.38 -13.51
CA GLY A 119 -8.37 11.74 -13.47
C GLY A 119 -8.76 12.61 -12.28
N ARG A 120 -9.33 12.01 -11.24
CA ARG A 120 -9.75 12.75 -10.06
C ARG A 120 -9.55 11.90 -8.75
N SER A 121 -10.00 12.46 -7.62
CA SER A 121 -9.92 11.82 -6.31
C SER A 121 -11.28 11.35 -5.82
N HIS A 122 -11.25 10.31 -5.00
CA HIS A 122 -12.40 9.75 -4.33
C HIS A 122 -11.96 9.33 -2.92
N SER A 123 -12.91 8.97 -2.07
CA SER A 123 -12.64 8.54 -0.70
C SER A 123 -12.96 7.10 -0.55
N VAL A 124 -12.09 6.39 0.19
CA VAL A 124 -12.31 5.01 0.55
C VAL A 124 -12.54 5.05 2.06
N ILE A 125 -13.73 4.64 2.49
CA ILE A 125 -14.08 4.66 3.93
C ILE A 125 -14.19 3.24 4.43
N THR A 126 -13.36 2.87 5.41
CA THR A 126 -13.42 1.56 6.05
C THR A 126 -13.77 1.74 7.53
N ALA A 127 -14.82 1.07 7.96
CA ALA A 127 -15.27 1.05 9.35
C ALA A 127 -14.91 -0.30 9.96
N VAL A 128 -14.50 -0.30 11.23
CA VAL A 128 -14.19 -1.50 12.01
C VAL A 128 -15.04 -1.40 13.26
N SER A 129 -15.63 -2.51 13.68
CA SER A 129 -16.41 -2.59 14.91
C SER A 129 -15.92 -3.80 15.66
N ILE A 130 -15.47 -3.60 16.90
CA ILE A 130 -14.98 -4.66 17.78
C ILE A 130 -16.03 -4.79 18.89
N GLN A 131 -16.60 -6.01 19.04
CA GLN A 131 -17.70 -6.30 19.94
C GLN A 131 -17.37 -7.38 20.92
N ALA A 132 -17.68 -7.13 22.20
CA ALA A 132 -17.53 -8.05 23.35
C ALA A 132 -18.65 -7.74 24.35
N GLU A 133 -18.92 -8.64 25.30
CA GLU A 133 -20.02 -8.44 26.26
CA GLU A 133 -20.00 -8.48 26.30
C GLU A 133 -19.85 -7.22 27.17
N ASN A 134 -18.60 -6.83 27.47
CA ASN A 134 -18.30 -5.70 28.37
C ASN A 134 -17.66 -4.48 27.73
N HIS A 135 -17.48 -4.50 26.39
CA HIS A 135 -16.79 -3.45 25.67
C HIS A 135 -17.07 -3.55 24.18
N SER A 136 -17.39 -2.42 23.55
CA SER A 136 -17.54 -2.34 22.10
C SER A 136 -16.93 -1.02 21.62
N GLU A 137 -16.41 -1.01 20.41
CA GLU A 137 -15.73 0.15 19.85
C GLU A 137 -15.93 0.08 18.34
N THR A 138 -16.33 1.22 17.73
CA THR A 138 -16.52 1.40 16.30
C THR A 138 -15.85 2.69 15.87
N PHE A 139 -15.21 2.66 14.71
CA PHE A 139 -14.55 3.82 14.12
C PHE A 139 -14.47 3.60 12.63
N TYR A 140 -14.27 4.69 11.90
CA TYR A 140 -14.02 4.61 10.47
C TYR A 140 -12.69 5.29 10.20
N ASP A 141 -12.02 4.83 9.16
CA ASP A 141 -10.78 5.36 8.65
C ASP A 141 -11.11 5.82 7.21
N LYS A 142 -10.74 7.06 6.87
CA LYS A 142 -10.99 7.64 5.54
C LYS A 142 -9.65 7.88 4.83
N THR A 143 -9.55 7.43 3.58
CA THR A 143 -8.37 7.60 2.72
C THR A 143 -8.78 8.28 1.42
N GLU A 144 -8.02 9.30 0.99
CA GLU A 144 -8.23 9.95 -0.31
C GLU A 144 -7.42 9.23 -1.34
N VAL A 145 -8.08 8.81 -2.42
CA VAL A 145 -7.43 8.09 -3.50
C VAL A 145 -7.52 8.90 -4.76
N ALA A 146 -6.36 9.21 -5.37
CA ALA A 146 -6.25 9.97 -6.62
C ALA A 146 -5.87 9.02 -7.76
N PHE A 147 -6.65 9.09 -8.84
CA PHE A 147 -6.43 8.28 -10.05
C PHE A 147 -5.80 9.13 -11.14
N TRP A 148 -5.04 8.48 -12.05
CA TRP A 148 -4.48 9.10 -13.26
C TRP A 148 -5.66 9.20 -14.26
N SER A 149 -5.51 9.98 -15.35
CA SER A 149 -6.54 10.00 -16.40
C SER A 149 -6.43 8.66 -17.12
N LEU A 150 -7.55 7.96 -17.31
CA LEU A 150 -7.56 6.63 -17.92
C LEU A 150 -8.18 6.60 -19.32
N SER A 151 -7.53 5.85 -20.22
CA SER A 151 -8.00 5.65 -21.59
C SER A 151 -9.06 4.53 -21.59
N GLU A 152 -9.85 4.43 -22.69
CA GLU A 152 -10.88 3.40 -22.83
C GLU A 152 -10.24 2.01 -22.94
N GLU A 153 -9.07 1.91 -23.61
CA GLU A 153 -8.30 0.68 -23.76
C GLU A 153 -7.88 0.15 -22.38
N GLU A 154 -7.31 1.03 -21.52
CA GLU A 154 -6.85 0.74 -20.14
C GLU A 154 -7.97 0.16 -19.27
N ILE A 155 -9.18 0.76 -19.36
CA ILE A 155 -10.35 0.38 -18.57
C ILE A 155 -10.88 -1.01 -18.97
N TRP A 156 -11.05 -1.25 -20.29
CA TRP A 156 -11.58 -2.52 -20.81
C TRP A 156 -10.59 -3.69 -20.63
N THR A 157 -9.27 -3.45 -20.83
CA THR A 157 -8.26 -4.49 -20.61
C THR A 157 -8.24 -4.90 -19.13
N TYR A 158 -8.38 -3.91 -18.20
CA TYR A 158 -8.43 -4.16 -16.76
C TYR A 158 -9.69 -4.96 -16.42
N ILE A 159 -10.81 -4.62 -17.08
CA ILE A 159 -12.09 -5.31 -16.94
C ILE A 159 -11.94 -6.78 -17.44
N GLU A 160 -11.19 -6.97 -18.56
CA GLU A 160 -10.95 -8.28 -19.20
C GLU A 160 -10.20 -9.33 -18.32
N THR A 161 -9.81 -8.99 -17.05
CA THR A 161 -9.11 -9.92 -16.17
C THR A 161 -9.99 -10.25 -14.92
N LYS A 162 -11.22 -9.68 -14.88
CA LYS A 162 -12.27 -9.86 -13.85
C LYS A 162 -11.89 -9.41 -12.42
N GLU A 163 -10.83 -8.58 -12.27
CA GLU A 163 -10.45 -8.02 -10.96
C GLU A 163 -11.49 -6.96 -10.50
N PRO A 164 -12.04 -6.06 -11.38
CA PRO A 164 -13.05 -5.08 -10.92
C PRO A 164 -14.35 -5.65 -10.35
N MET A 165 -14.88 -6.71 -11.00
CA MET A 165 -16.15 -7.39 -10.73
C MET A 165 -16.36 -7.83 -9.29
N ASP A 166 -15.27 -8.11 -8.57
CA ASP A 166 -15.32 -8.53 -7.17
C ASP A 166 -15.24 -7.33 -6.19
N LYS A 167 -14.81 -6.15 -6.69
CA LYS A 167 -14.56 -4.99 -5.81
C LYS A 167 -15.52 -3.79 -5.96
N ALA A 168 -15.76 -3.11 -4.82
CA ALA A 168 -16.55 -1.88 -4.72
C ALA A 168 -15.80 -0.75 -5.45
N GLY A 169 -16.49 -0.15 -6.42
CA GLY A 169 -15.96 0.93 -7.26
C GLY A 169 -15.29 0.47 -8.55
N ALA A 170 -15.31 -0.86 -8.82
CA ALA A 170 -14.71 -1.53 -9.99
C ALA A 170 -13.17 -1.42 -10.06
N TYR A 171 -12.48 -1.49 -8.89
CA TYR A 171 -11.01 -1.47 -8.84
C TYR A 171 -10.49 -2.01 -7.52
N GLY A 172 -9.21 -2.41 -7.53
CA GLY A 172 -8.45 -2.83 -6.35
C GLY A 172 -7.15 -2.05 -6.33
N ILE A 173 -6.63 -1.72 -5.13
CA ILE A 173 -5.35 -0.99 -5.04
C ILE A 173 -4.17 -1.97 -5.32
N GLN A 174 -4.40 -3.27 -5.09
CA GLN A 174 -3.43 -4.33 -5.37
C GLN A 174 -3.65 -4.84 -6.78
N GLY A 175 -2.61 -5.41 -7.38
CA GLY A 175 -2.72 -5.97 -8.71
C GLY A 175 -2.65 -4.92 -9.79
N ARG A 176 -3.35 -5.16 -10.93
CA ARG A 176 -3.35 -4.26 -12.09
C ARG A 176 -3.98 -2.89 -11.79
N GLY A 177 -4.85 -2.83 -10.78
CA GLY A 177 -5.48 -1.60 -10.32
C GLY A 177 -4.49 -0.60 -9.75
N ALA A 178 -3.33 -1.10 -9.25
CA ALA A 178 -2.20 -0.32 -8.74
C ALA A 178 -1.73 0.72 -9.77
N LEU A 179 -1.78 0.37 -11.07
CA LEU A 179 -1.33 1.25 -12.16
C LEU A 179 -2.20 2.48 -12.39
N PHE A 180 -3.45 2.47 -11.88
CA PHE A 180 -4.39 3.58 -12.00
C PHE A 180 -4.17 4.63 -10.88
N VAL A 181 -3.71 4.17 -9.71
CA VAL A 181 -3.54 5.03 -8.52
C VAL A 181 -2.32 5.92 -8.66
N LYS A 182 -2.52 7.23 -8.55
CA LYS A 182 -1.46 8.26 -8.60
C LYS A 182 -0.90 8.44 -7.17
N LYS A 183 -1.79 8.50 -6.18
CA LYS A 183 -1.38 8.66 -4.77
C LYS A 183 -2.54 8.43 -3.86
N ILE A 184 -2.22 8.26 -2.58
CA ILE A 184 -3.21 8.15 -1.53
C ILE A 184 -2.81 9.11 -0.43
N ASP A 185 -3.79 9.49 0.38
CA ASP A 185 -3.59 10.31 1.56
C ASP A 185 -4.40 9.59 2.61
N GLY A 186 -3.71 8.73 3.34
CA GLY A 186 -4.34 7.91 4.37
C GLY A 186 -3.65 6.58 4.57
N ASP A 187 -4.45 5.51 4.70
CA ASP A 187 -4.00 4.17 4.99
C ASP A 187 -4.28 3.17 3.86
N TYR A 188 -3.21 2.68 3.23
CA TYR A 188 -3.26 1.70 2.17
C TYR A 188 -4.00 0.42 2.64
N TYR A 189 -3.69 -0.07 3.86
CA TYR A 189 -4.31 -1.25 4.43
C TYR A 189 -5.81 -1.05 4.64
N SER A 190 -6.21 0.16 5.01
CA SER A 190 -7.63 0.52 5.13
C SER A 190 -8.31 0.39 3.74
N VAL A 191 -7.63 0.79 2.65
CA VAL A 191 -8.15 0.67 1.27
C VAL A 191 -8.32 -0.82 0.92
N MET A 192 -7.40 -1.69 1.36
CA MET A 192 -7.51 -3.16 1.18
C MET A 192 -8.74 -3.74 1.97
N GLY A 193 -9.25 -3.00 2.96
CA GLY A 193 -10.42 -3.41 3.73
C GLY A 193 -10.26 -3.49 5.23
N LEU A 194 -9.05 -3.15 5.78
CA LEU A 194 -8.78 -3.20 7.21
C LEU A 194 -7.65 -2.26 7.67
N PRO A 195 -7.95 -1.14 8.40
CA PRO A 195 -6.86 -0.31 8.94
C PRO A 195 -6.13 -1.10 10.04
N ILE A 196 -5.15 -1.91 9.62
CA ILE A 196 -4.52 -2.89 10.50
C ILE A 196 -3.81 -2.27 11.72
N SER A 197 -3.17 -1.11 11.56
CA SER A 197 -2.53 -0.48 12.72
C SER A 197 -3.56 0.05 13.73
N LYS A 198 -4.70 0.60 13.28
CA LYS A 198 -5.73 1.09 14.21
C LYS A 198 -6.44 -0.07 14.92
N THR A 199 -6.73 -1.16 14.19
CA THR A 199 -7.35 -2.39 14.71
C THR A 199 -6.49 -3.01 15.81
N MET A 200 -5.18 -3.15 15.53
CA MET A 200 -4.19 -3.68 16.47
C MET A 200 -4.21 -2.84 17.75
N ARG A 201 -4.14 -1.50 17.59
CA ARG A 201 -4.17 -0.54 18.70
CA ARG A 201 -4.13 -0.61 18.73
C ARG A 201 -5.48 -0.64 19.48
N ALA A 202 -6.61 -0.82 18.76
CA ALA A 202 -7.92 -0.93 19.41
C ALA A 202 -8.07 -2.27 20.17
N LEU A 203 -7.43 -3.36 19.69
CA LEU A 203 -7.47 -4.68 20.35
C LEU A 203 -6.71 -4.67 21.69
N ARG A 204 -5.74 -3.74 21.86
CA ARG A 204 -5.00 -3.59 23.14
C ARG A 204 -5.97 -3.11 24.22
N HIS A 205 -7.01 -2.33 23.83
CA HIS A 205 -8.04 -1.79 24.75
C HIS A 205 -8.92 -2.94 25.25
N PHE A 206 -8.86 -4.10 24.59
CA PHE A 206 -9.60 -5.32 24.93
C PHE A 206 -8.58 -6.30 25.49
N THR B 23 12.55 -2.34 -31.21
CA THR B 23 12.27 -2.87 -29.87
C THR B 23 13.56 -3.28 -29.15
N LYS B 24 13.58 -3.01 -27.84
CA LYS B 24 14.71 -3.30 -26.97
C LYS B 24 14.30 -4.20 -25.80
N PRO B 25 15.15 -5.16 -25.39
CA PRO B 25 14.80 -5.95 -24.19
C PRO B 25 14.87 -5.05 -22.94
N LEU B 26 14.03 -5.36 -21.95
CA LEU B 26 13.97 -4.62 -20.69
C LEU B 26 14.80 -5.33 -19.60
N ILE B 27 15.60 -4.58 -18.82
CA ILE B 27 16.43 -5.09 -17.74
C ILE B 27 16.15 -4.35 -16.44
N LEU B 28 15.96 -5.10 -15.34
CA LEU B 28 15.81 -4.53 -14.00
C LEU B 28 17.20 -4.63 -13.38
N ALA B 29 17.88 -3.51 -13.20
CA ALA B 29 19.21 -3.44 -12.60
C ALA B 29 19.07 -3.39 -11.03
N SER B 30 18.40 -4.38 -10.42
CA SER B 30 18.16 -4.44 -8.97
C SER B 30 18.07 -5.85 -8.44
N GLN B 31 18.59 -6.09 -7.21
CA GLN B 31 18.49 -7.40 -6.53
C GLN B 31 17.28 -7.40 -5.57
N SER B 32 16.57 -6.25 -5.48
CA SER B 32 15.43 -6.12 -4.57
C SER B 32 14.22 -6.98 -4.96
N PRO B 33 13.74 -7.86 -4.02
CA PRO B 33 12.54 -8.67 -4.31
C PRO B 33 11.24 -7.85 -4.42
N ARG B 34 11.19 -6.69 -3.73
N ARG B 34 11.19 -6.69 -3.74
CA ARG B 34 10.02 -5.80 -3.77
CA ARG B 34 10.02 -5.79 -3.77
C ARG B 34 9.93 -5.11 -5.13
C ARG B 34 9.93 -5.11 -5.13
N ARG B 35 11.07 -4.66 -5.67
CA ARG B 35 11.14 -4.02 -7.00
C ARG B 35 10.79 -5.04 -8.09
N LYS B 36 11.22 -6.30 -7.92
CA LYS B 36 10.92 -7.41 -8.81
C LYS B 36 9.39 -7.64 -8.86
N GLU B 37 8.75 -7.83 -7.69
CA GLU B 37 7.30 -8.06 -7.52
C GLU B 37 6.48 -6.94 -8.14
N LEU B 38 6.92 -5.68 -7.98
CA LEU B 38 6.23 -4.51 -8.52
C LEU B 38 6.37 -4.41 -10.00
N LEU B 39 7.58 -4.66 -10.53
CA LEU B 39 7.80 -4.65 -11.98
C LEU B 39 7.01 -5.78 -12.66
N ASP B 40 6.77 -6.90 -11.95
CA ASP B 40 5.98 -8.03 -12.47
C ASP B 40 4.53 -7.62 -12.81
N LEU B 41 3.98 -6.61 -12.09
CA LEU B 41 2.62 -6.09 -12.34
C LEU B 41 2.44 -5.57 -13.78
N LEU B 42 3.54 -5.20 -14.44
CA LEU B 42 3.50 -4.68 -15.81
C LEU B 42 3.22 -5.74 -16.87
N GLN B 43 3.45 -7.03 -16.55
CA GLN B 43 3.25 -8.19 -17.45
C GLN B 43 4.05 -7.99 -18.75
N LEU B 44 5.28 -7.48 -18.60
CA LEU B 44 6.23 -7.23 -19.68
C LEU B 44 7.39 -8.16 -19.43
N PRO B 45 7.91 -8.90 -20.43
CA PRO B 45 9.05 -9.77 -20.15
C PRO B 45 10.28 -8.92 -19.87
N TYR B 46 11.15 -9.36 -18.96
CA TYR B 46 12.36 -8.64 -18.61
C TYR B 46 13.36 -9.57 -17.95
N SER B 47 14.60 -9.11 -17.80
CA SER B 47 15.62 -9.89 -17.14
C SER B 47 16.17 -9.05 -16.00
N ILE B 48 16.82 -9.71 -15.04
CA ILE B 48 17.41 -9.06 -13.88
C ILE B 48 18.92 -9.23 -13.93
N ILE B 49 19.64 -8.11 -13.79
CA ILE B 49 21.11 -8.04 -13.72
C ILE B 49 21.43 -7.07 -12.57
N VAL B 50 22.25 -7.49 -11.60
CA VAL B 50 22.67 -6.62 -10.50
C VAL B 50 24.15 -6.28 -10.67
N SER B 51 24.53 -4.99 -10.59
CA SER B 51 25.93 -4.62 -10.76
C SER B 51 26.59 -4.14 -9.46
N GLU B 52 27.95 -4.08 -9.46
CA GLU B 52 28.75 -3.64 -8.32
C GLU B 52 28.59 -2.11 -8.10
N VAL B 53 27.92 -1.74 -6.98
CA VAL B 53 27.67 -0.34 -6.62
C VAL B 53 28.95 0.37 -6.17
N ASN B 58 27.86 12.14 -2.98
CA ASN B 58 28.59 13.32 -2.52
C ASN B 58 27.85 14.08 -1.41
N ARG B 59 28.59 14.61 -0.41
CA ARG B 59 28.04 15.39 0.72
C ARG B 59 27.50 16.76 0.26
N ASN B 60 28.01 17.27 -0.89
CA ASN B 60 27.61 18.54 -1.50
C ASN B 60 26.19 18.48 -2.10
N PHE B 61 25.70 17.26 -2.41
CA PHE B 61 24.37 16.98 -2.97
C PHE B 61 23.28 16.91 -1.89
N SER B 62 22.04 17.23 -2.29
CA SER B 62 20.83 17.14 -1.48
C SER B 62 20.35 15.66 -1.52
N PRO B 63 19.48 15.20 -0.59
CA PRO B 63 18.98 13.81 -0.68
C PRO B 63 18.28 13.50 -2.01
N GLU B 64 17.58 14.50 -2.57
CA GLU B 64 16.90 14.42 -3.87
C GLU B 64 17.89 14.18 -5.01
N GLU B 65 19.07 14.87 -4.97
CA GLU B 65 20.12 14.71 -5.98
C GLU B 65 20.85 13.38 -5.80
N ASN B 66 21.16 13.02 -4.54
CA ASN B 66 21.82 11.77 -4.17
C ASN B 66 21.02 10.53 -4.61
N VAL B 67 19.72 10.46 -4.27
CA VAL B 67 18.88 9.30 -4.63
C VAL B 67 18.76 9.13 -6.17
N GLN B 68 18.66 10.26 -6.90
CA GLN B 68 18.59 10.29 -8.37
C GLN B 68 19.91 9.84 -8.96
N TRP B 69 21.04 10.33 -8.38
CA TRP B 69 22.38 9.95 -8.80
C TRP B 69 22.65 8.43 -8.65
N LEU B 70 22.24 7.82 -7.53
CA LEU B 70 22.39 6.40 -7.24
C LEU B 70 21.52 5.51 -8.13
N ALA B 71 20.26 5.91 -8.40
CA ALA B 71 19.38 5.18 -9.32
C ALA B 71 20.06 5.17 -10.74
N LYS B 72 20.61 6.33 -11.15
CA LYS B 72 21.32 6.55 -12.42
C LYS B 72 22.58 5.67 -12.53
N GLN B 73 23.45 5.68 -11.51
CA GLN B 73 24.67 4.88 -11.48
C GLN B 73 24.32 3.38 -11.59
N LYS B 74 23.29 2.91 -10.87
CA LYS B 74 22.86 1.51 -10.92
C LYS B 74 22.41 1.13 -12.35
N ALA B 75 21.57 1.97 -13.00
CA ALA B 75 21.13 1.71 -14.37
C ALA B 75 22.27 1.80 -15.37
N LYS B 76 23.14 2.82 -15.26
CA LYS B 76 24.26 3.03 -16.19
C LYS B 76 25.29 1.93 -16.14
N ALA B 77 25.57 1.35 -14.97
CA ALA B 77 26.55 0.27 -14.83
C ALA B 77 26.15 -0.98 -15.68
N VAL B 78 24.85 -1.28 -15.75
CA VAL B 78 24.27 -2.41 -16.50
C VAL B 78 24.08 -2.02 -17.97
N ALA B 79 23.57 -0.79 -18.22
CA ALA B 79 23.38 -0.25 -19.57
C ALA B 79 24.73 -0.17 -20.34
N ASP B 80 25.85 0.08 -19.61
CA ASP B 80 27.21 0.13 -20.19
C ASP B 80 27.61 -1.24 -20.67
N LEU B 81 27.18 -2.30 -19.97
CA LEU B 81 27.46 -3.69 -20.31
C LEU B 81 26.51 -4.24 -21.38
N HIS B 82 25.25 -3.74 -21.44
CA HIS B 82 24.22 -4.17 -22.40
C HIS B 82 23.61 -2.90 -23.09
N PRO B 83 24.34 -2.26 -24.04
CA PRO B 83 23.89 -0.97 -24.61
C PRO B 83 22.67 -0.99 -25.56
N HIS B 84 22.21 -2.17 -25.94
CA HIS B 84 21.04 -2.38 -26.81
C HIS B 84 19.71 -2.44 -26.01
N ALA B 85 19.78 -2.51 -24.67
CA ALA B 85 18.58 -2.66 -23.85
C ALA B 85 18.08 -1.36 -23.22
N ILE B 86 16.89 -1.43 -22.58
CA ILE B 86 16.26 -0.42 -21.74
C ILE B 86 16.49 -0.95 -20.31
N VAL B 87 17.27 -0.20 -19.51
CA VAL B 87 17.66 -0.61 -18.16
C VAL B 87 16.99 0.27 -17.10
N ILE B 88 16.31 -0.36 -16.12
CA ILE B 88 15.66 0.34 -15.00
C ILE B 88 16.52 0.17 -13.74
N GLY B 89 16.88 1.30 -13.13
CA GLY B 89 17.61 1.39 -11.88
C GLY B 89 16.78 2.20 -10.89
N ALA B 90 16.85 1.87 -9.61
CA ALA B 90 16.08 2.59 -8.58
C ALA B 90 16.80 2.59 -7.26
N ASP B 91 16.52 3.63 -6.46
CA ASP B 91 17.10 3.79 -5.14
C ASP B 91 16.08 4.44 -4.22
N THR B 92 16.03 4.00 -2.95
CA THR B 92 15.07 4.49 -1.95
C THR B 92 15.80 4.96 -0.69
N MET B 93 15.50 6.17 -0.24
CA MET B 93 16.05 6.78 0.98
C MET B 93 14.94 7.16 1.93
N VAL B 94 15.21 7.07 3.24
CA VAL B 94 14.30 7.44 4.33
C VAL B 94 14.93 8.66 4.97
N CYS B 95 14.28 9.83 4.87
CA CYS B 95 14.87 11.06 5.39
C CYS B 95 13.96 11.79 6.38
N LEU B 96 14.57 12.52 7.31
CA LEU B 96 13.88 13.30 8.32
C LEU B 96 14.78 14.42 8.76
N ASP B 97 14.26 15.65 8.73
CA ASP B 97 14.96 16.89 9.10
C ASP B 97 16.32 17.05 8.35
N GLY B 98 16.34 16.61 7.08
CA GLY B 98 17.50 16.68 6.20
C GLY B 98 18.44 15.49 6.24
N GLU B 99 18.37 14.69 7.33
CA GLU B 99 19.23 13.53 7.52
C GLU B 99 18.59 12.27 6.96
N CYS B 100 19.32 11.54 6.13
CA CYS B 100 18.80 10.28 5.58
C CYS B 100 19.40 9.08 6.29
N LEU B 101 18.57 8.05 6.48
CA LEU B 101 18.93 6.81 7.15
C LEU B 101 19.07 5.71 6.13
N GLY B 102 20.19 5.01 6.20
CA GLY B 102 20.48 3.89 5.31
C GLY B 102 20.18 2.57 6.00
N LYS B 103 20.48 1.45 5.31
CA LYS B 103 20.27 0.12 5.87
C LYS B 103 21.12 0.02 7.13
N PRO B 104 20.51 -0.30 8.29
CA PRO B 104 21.28 -0.33 9.54
C PRO B 104 22.27 -1.49 9.61
N GLN B 105 23.55 -1.19 9.90
CA GLN B 105 24.63 -2.17 10.02
C GLN B 105 24.49 -3.03 11.28
N ASP B 106 24.22 -2.38 12.44
CA ASP B 106 24.04 -3.04 13.74
C ASP B 106 22.54 -3.10 14.12
N GLN B 107 22.20 -3.98 15.09
CA GLN B 107 20.82 -4.14 15.58
C GLN B 107 20.45 -2.98 16.51
N GLU B 108 21.45 -2.41 17.22
CA GLU B 108 21.27 -1.27 18.12
C GLU B 108 21.00 0.00 17.29
N GLU B 109 21.69 0.15 16.12
CA GLU B 109 21.53 1.27 15.20
C GLU B 109 20.11 1.27 14.61
N ALA B 110 19.56 0.06 14.32
CA ALA B 110 18.21 -0.16 13.80
C ALA B 110 17.16 0.35 14.80
N ALA B 111 17.39 0.09 16.11
CA ALA B 111 16.54 0.51 17.21
C ALA B 111 16.64 2.02 17.45
N SER B 112 17.79 2.62 17.11
CA SER B 112 18.06 4.06 17.27
C SER B 112 17.29 4.84 16.19
N MET B 113 17.25 4.30 14.97
CA MET B 113 16.55 4.85 13.82
C MET B 113 15.05 4.87 14.11
N LEU B 114 14.52 3.76 14.68
CA LEU B 114 13.12 3.60 15.04
C LEU B 114 12.66 4.60 16.10
N ARG B 115 13.51 4.89 17.10
CA ARG B 115 13.22 5.85 18.16
C ARG B 115 13.08 7.28 17.57
N ARG B 116 13.93 7.61 16.58
CA ARG B 116 13.90 8.88 15.86
C ARG B 116 12.63 9.00 15.00
N LEU B 117 12.19 7.88 14.40
CA LEU B 117 11.00 7.83 13.53
C LEU B 117 9.68 7.86 14.30
N SER B 118 9.67 7.36 15.54
CA SER B 118 8.50 7.25 16.41
C SER B 118 7.72 8.56 16.60
N GLY B 119 6.39 8.46 16.52
CA GLY B 119 5.45 9.57 16.75
C GLY B 119 5.62 10.83 15.95
N ARG B 120 6.14 10.71 14.73
CA ARG B 120 6.33 11.83 13.83
C ARG B 120 6.25 11.36 12.38
N SER B 121 6.49 12.30 11.45
CA SER B 121 6.52 12.11 10.01
C SER B 121 7.95 12.22 9.46
N HIS B 122 8.20 11.44 8.39
CA HIS B 122 9.45 11.41 7.66
C HIS B 122 9.14 11.27 6.16
N SER B 123 10.15 11.44 5.33
CA SER B 123 9.98 11.31 3.89
C SER B 123 10.65 10.08 3.38
N VAL B 124 9.98 9.41 2.48
CA VAL B 124 10.57 8.27 1.80
C VAL B 124 10.76 8.74 0.35
N ILE B 125 12.01 8.83 -0.09
CA ILE B 125 12.30 9.29 -1.46
C ILE B 125 12.79 8.11 -2.34
N THR B 126 12.07 7.84 -3.43
CA THR B 126 12.44 6.80 -4.41
C THR B 126 12.71 7.42 -5.78
N ALA B 127 13.92 7.21 -6.32
CA ALA B 127 14.27 7.64 -7.65
C ALA B 127 14.31 6.44 -8.57
N VAL B 128 13.92 6.66 -9.82
CA VAL B 128 13.96 5.65 -10.87
C VAL B 128 14.76 6.28 -12.02
N SER B 129 15.67 5.51 -12.65
CA SER B 129 16.40 5.96 -13.82
C SER B 129 16.17 4.91 -14.91
N ILE B 130 15.70 5.33 -16.09
CA ILE B 130 15.43 4.45 -17.23
C ILE B 130 16.43 4.82 -18.32
N GLN B 131 17.29 3.88 -18.70
CA GLN B 131 18.37 4.16 -19.63
C GLN B 131 18.39 3.28 -20.87
N ALA B 132 18.48 3.92 -22.04
CA ALA B 132 18.58 3.28 -23.35
C ALA B 132 19.56 4.14 -24.15
N GLU B 133 20.14 3.61 -25.23
N GLU B 133 20.14 3.62 -25.25
CA GLU B 133 21.12 4.35 -26.04
CA GLU B 133 21.13 4.30 -26.11
C GLU B 133 20.58 5.66 -26.61
C GLU B 133 20.59 5.62 -26.70
N ASN B 134 19.28 5.71 -26.91
CA ASN B 134 18.64 6.88 -27.53
C ASN B 134 17.73 7.67 -26.62
N HIS B 135 17.57 7.23 -25.38
CA HIS B 135 16.64 7.86 -24.46
C HIS B 135 16.97 7.45 -23.04
N SER B 136 17.00 8.43 -22.13
CA SER B 136 17.21 8.22 -20.70
C SER B 136 16.24 9.14 -19.97
N GLU B 137 15.76 8.70 -18.79
CA GLU B 137 14.82 9.45 -17.97
C GLU B 137 15.04 9.10 -16.51
N THR B 138 15.19 10.12 -15.67
CA THR B 138 15.38 9.96 -14.22
C THR B 138 14.38 10.84 -13.49
N PHE B 139 13.77 10.33 -12.42
CA PHE B 139 12.86 11.13 -11.60
C PHE B 139 12.84 10.58 -10.18
N TYR B 140 12.36 11.37 -9.21
CA TYR B 140 12.14 10.89 -7.85
C TYR B 140 10.67 11.12 -7.48
N ASP B 141 10.21 10.33 -6.54
CA ASP B 141 8.86 10.39 -5.97
C ASP B 141 9.07 10.50 -4.47
N LYS B 142 8.41 11.46 -3.83
CA LYS B 142 8.47 11.68 -2.38
C LYS B 142 7.12 11.35 -1.76
N THR B 143 7.15 10.55 -0.68
CA THR B 143 5.98 10.13 0.09
C THR B 143 6.25 10.50 1.54
N GLU B 144 5.27 11.15 2.21
CA GLU B 144 5.32 11.47 3.63
C GLU B 144 4.70 10.31 4.38
N VAL B 145 5.45 9.79 5.34
CA VAL B 145 5.03 8.66 6.15
C VAL B 145 4.92 9.07 7.62
N ALA B 146 3.74 8.93 8.23
CA ALA B 146 3.51 9.23 9.66
C ALA B 146 3.53 7.94 10.47
N PHE B 147 4.23 7.97 11.61
CA PHE B 147 4.36 6.84 12.54
C PHE B 147 3.57 7.09 13.80
N TRP B 148 3.08 6.01 14.40
CA TRP B 148 2.46 6.07 15.73
C TRP B 148 3.64 6.18 16.72
N SER B 149 3.37 6.55 17.99
CA SER B 149 4.39 6.58 19.03
C SER B 149 4.66 5.12 19.40
N LEU B 150 5.92 4.66 19.25
CA LEU B 150 6.30 3.26 19.47
C LEU B 150 6.96 3.01 20.82
N SER B 151 6.67 1.85 21.42
CA SER B 151 7.26 1.40 22.68
C SER B 151 8.60 0.71 22.39
N GLU B 152 9.43 0.50 23.43
CA GLU B 152 10.73 -0.16 23.32
C GLU B 152 10.58 -1.66 22.99
N GLU B 153 9.53 -2.29 23.55
CA GLU B 153 9.19 -3.71 23.37
C GLU B 153 8.91 -4.02 21.90
N GLU B 154 8.06 -3.18 21.26
CA GLU B 154 7.64 -3.25 19.87
C GLU B 154 8.82 -3.09 18.89
N ILE B 155 9.83 -2.27 19.26
CA ILE B 155 11.04 -2.02 18.45
C ILE B 155 11.91 -3.30 18.32
N TRP B 156 12.26 -3.93 19.45
CA TRP B 156 13.12 -5.12 19.51
C TRP B 156 12.45 -6.40 18.99
N THR B 157 11.14 -6.61 19.30
CA THR B 157 10.37 -7.76 18.80
C THR B 157 10.27 -7.68 17.26
N TYR B 158 10.24 -6.44 16.71
CA TYR B 158 10.24 -6.18 15.26
C TYR B 158 11.65 -6.42 14.70
N ILE B 159 12.70 -6.03 15.45
CA ILE B 159 14.11 -6.25 15.07
C ILE B 159 14.44 -7.75 14.97
N GLU B 160 13.84 -8.58 15.86
CA GLU B 160 14.01 -10.05 15.91
C GLU B 160 13.48 -10.77 14.66
N THR B 161 12.48 -10.18 13.98
CA THR B 161 11.86 -10.71 12.76
C THR B 161 12.84 -10.74 11.54
N LYS B 162 13.94 -9.93 11.61
CA LYS B 162 15.01 -9.74 10.60
C LYS B 162 14.55 -8.84 9.43
N GLU B 163 13.26 -8.40 9.43
CA GLU B 163 12.64 -7.49 8.44
C GLU B 163 13.30 -6.09 8.44
N PRO B 164 13.66 -5.46 9.61
CA PRO B 164 14.29 -4.12 9.58
C PRO B 164 15.66 -4.01 8.86
N MET B 165 16.55 -5.01 9.05
CA MET B 165 17.94 -5.07 8.56
C MET B 165 18.11 -4.91 7.06
N ASP B 166 17.18 -5.46 6.28
CA ASP B 166 17.18 -5.42 4.82
C ASP B 166 16.71 -4.06 4.26
N LYS B 167 16.05 -3.23 5.10
CA LYS B 167 15.49 -1.96 4.62
C LYS B 167 16.07 -0.67 5.22
N ALA B 168 16.11 0.37 4.37
CA ALA B 168 16.54 1.75 4.69
C ALA B 168 15.64 2.31 5.77
N GLY B 169 16.23 2.92 6.78
CA GLY B 169 15.50 3.50 7.90
C GLY B 169 15.04 2.47 8.92
N ALA B 170 15.46 1.19 8.74
CA ALA B 170 15.19 0.04 9.63
C ALA B 170 13.68 -0.35 9.72
N TYR B 171 12.93 -0.21 8.60
CA TYR B 171 11.52 -0.61 8.57
C TYR B 171 11.04 -0.83 7.14
N GLY B 172 10.05 -1.72 7.01
CA GLY B 172 9.36 -2.02 5.77
C GLY B 172 7.88 -1.75 5.97
N ILE B 173 7.23 -1.09 5.00
CA ILE B 173 5.79 -0.77 5.08
C ILE B 173 4.94 -2.08 5.04
N GLN B 174 5.47 -3.16 4.43
CA GLN B 174 4.86 -4.51 4.37
C GLN B 174 5.32 -5.30 5.59
N GLY B 175 4.66 -6.42 5.89
CA GLY B 175 5.01 -7.23 7.05
C GLY B 175 4.67 -6.54 8.36
N ARG B 176 5.42 -6.84 9.46
CA ARG B 176 5.20 -6.26 10.79
C ARG B 176 5.39 -4.73 10.87
N GLY B 177 6.13 -4.16 9.91
CA GLY B 177 6.36 -2.72 9.82
C GLY B 177 5.09 -1.93 9.56
N ALA B 178 4.08 -2.60 8.96
CA ALA B 178 2.77 -2.07 8.63
C ALA B 178 2.04 -1.56 9.88
N LEU B 179 2.36 -2.12 11.05
CA LEU B 179 1.74 -1.77 12.32
C LEU B 179 2.23 -0.45 12.92
N PHE B 180 3.37 0.06 12.46
CA PHE B 180 3.96 1.30 12.97
C PHE B 180 3.46 2.52 12.23
N VAL B 181 3.00 2.31 11.00
CA VAL B 181 2.58 3.34 10.07
C VAL B 181 1.15 3.82 10.38
N LYS B 182 1.02 5.13 10.69
CA LYS B 182 -0.27 5.77 10.96
C LYS B 182 -0.92 6.10 9.60
N LYS B 183 -0.14 6.67 8.69
CA LYS B 183 -0.62 6.99 7.36
C LYS B 183 0.49 7.42 6.46
N ILE B 184 0.17 7.53 5.19
CA ILE B 184 1.07 8.06 4.16
C ILE B 184 0.32 9.11 3.36
N ASP B 185 1.10 9.99 2.74
CA ASP B 185 0.66 10.97 1.76
C ASP B 185 1.64 10.81 0.59
N GLY B 186 1.23 10.04 -0.40
CA GLY B 186 2.06 9.73 -1.56
C GLY B 186 1.76 8.34 -2.12
N ASP B 187 2.82 7.60 -2.48
CA ASP B 187 2.73 6.31 -3.13
C ASP B 187 3.29 5.18 -2.32
N TYR B 188 2.41 4.28 -1.90
CA TYR B 188 2.77 3.09 -1.13
C TYR B 188 3.80 2.23 -1.87
N TYR B 189 3.62 2.10 -3.21
CA TYR B 189 4.52 1.29 -4.02
C TYR B 189 5.91 1.91 -4.11
N SER B 190 5.97 3.24 -4.12
CA SER B 190 7.21 4.01 -4.07
C SER B 190 7.92 3.77 -2.72
N VAL B 191 7.15 3.66 -1.60
CA VAL B 191 7.69 3.31 -0.26
C VAL B 191 8.32 1.89 -0.32
N MET B 192 7.66 0.95 -1.02
CA MET B 192 8.21 -0.41 -1.22
C MET B 192 9.52 -0.45 -2.05
N GLY B 193 9.79 0.60 -2.83
CA GLY B 193 11.01 0.71 -3.62
C GLY B 193 10.82 1.05 -5.07
N LEU B 194 9.56 1.18 -5.54
CA LEU B 194 9.29 1.46 -6.95
C LEU B 194 7.92 2.10 -7.19
N PRO B 195 7.87 3.40 -7.62
CA PRO B 195 6.59 4.00 -7.98
C PRO B 195 6.17 3.38 -9.31
N ILE B 196 5.50 2.24 -9.20
CA ILE B 196 5.13 1.41 -10.33
C ILE B 196 4.21 2.13 -11.37
N SER B 197 3.20 2.90 -10.92
CA SER B 197 2.31 3.59 -11.85
C SER B 197 3.09 4.59 -12.72
N LYS B 198 4.04 5.34 -12.11
CA LYS B 198 4.90 6.31 -12.81
C LYS B 198 5.91 5.59 -13.69
N THR B 199 6.47 4.44 -13.20
CA THR B 199 7.42 3.64 -13.98
C THR B 199 6.74 3.20 -15.29
N MET B 200 5.52 2.66 -15.17
CA MET B 200 4.71 2.22 -16.31
C MET B 200 4.49 3.37 -17.30
N ARG B 201 4.15 4.58 -16.81
CA ARG B 201 3.90 5.75 -17.65
C ARG B 201 5.17 6.21 -18.37
N ALA B 202 6.33 6.14 -17.68
CA ALA B 202 7.63 6.50 -18.26
C ALA B 202 8.07 5.49 -19.32
N LEU B 203 7.75 4.20 -19.12
CA LEU B 203 8.11 3.14 -20.08
C LEU B 203 7.32 3.23 -21.38
N ARG B 204 6.10 3.82 -21.36
CA ARG B 204 5.32 4.07 -22.59
C ARG B 204 6.09 5.01 -23.54
N HIS B 205 6.96 5.90 -23.03
CA HIS B 205 7.70 6.76 -23.97
C HIS B 205 9.00 6.11 -24.49
N PHE B 206 9.27 4.90 -24.05
CA PHE B 206 10.38 4.08 -24.56
C PHE B 206 9.71 3.04 -25.48
N ASP B 207 8.39 3.27 -25.73
CA ASP B 207 7.42 2.46 -26.51
C ASP B 207 7.22 1.10 -25.82
N ILE B 208 7.39 1.10 -24.47
CA ILE B 208 7.38 -0.02 -23.52
C ILE B 208 8.59 -0.96 -23.80
N ARG B 209 8.76 -1.42 -25.09
CA ARG B 209 9.82 -2.26 -25.63
C ARG B 209 10.38 -1.64 -26.92
UNK UNX C . -17.12 -8.83 4.87
UNK UNX D . -16.47 -4.18 2.51
UNK UNX E . -27.04 -13.36 3.03
UNK UNX F . -20.92 11.09 9.64
UNK UNX G . -11.02 11.46 -17.10
UNK UNX H . -21.39 -5.36 24.27
UNK UNX I . -23.45 -6.69 26.86
UNK UNX J . -19.56 0.84 19.30
UNK UNX K . -0.16 -5.29 -5.84
UNK UNX L . 0.21 3.26 -7.64
UNK UNX M . -6.86 -9.16 22.13
UNK UNX N . -20.92 -19.89 21.21
UNK UNX O . -19.30 -22.02 20.89
UNK UNX P . -20.92 -9.60 22.95
UNK UNX Q . -7.43 -17.99 10.83
UNK UNX R . -26.03 0.59 18.76
UNK UNX S . -25.34 -16.38 6.56
UNK UNX T . 1.18 -6.91 3.86
UNK UNX U . -8.84 -1.65 -3.07
UNK UNX V . -8.72 2.93 17.39
UNK UNX W . -6.13 -8.31 -7.28
UNK UNX X . -17.62 3.57 -20.52
UNK UNX Y . 1.25 -5.45 -0.07
UNK UNX Z . 13.35 -1.79 -2.08
UNK UNX AA . 18.74 -8.38 -21.91
UNK UNX BA . 22.89 -0.66 -29.31
UNK UNX CA . 19.11 -2.45 -5.56
UNK UNX DA . 1.90 12.66 6.54
UNK UNX EA . 2.40 8.23 -20.41
UNK UNX FA . 4.83 -10.65 -15.26
UNK UNX GA . 7.04 9.61 -15.23
#